data_4Y2E
#
_entry.id   4Y2E
#
_cell.length_a   64.549
_cell.length_b   64.458
_cell.length_c   74.333
_cell.angle_alpha   90.00
_cell.angle_beta   91.68
_cell.angle_gamma   90.00
#
_symmetry.space_group_name_H-M   'P 1 21 1'
#
loop_
_entity.id
_entity.type
_entity.pdbx_description
1 polymer 'Dual specificity protein phosphatase 7'
2 non-polymer 'PHOSPHATE ION'
3 water water
#
_entity_poly.entity_id   1
_entity_poly.type   'polypeptide(L)'
_entity_poly.pdbx_seq_one_letter_code
;SQPAFPVQILPYLYLGCAKDSTNLDVLGKYGIKYILNVTPNLPNAFEHGGEFTYKQIPISDHWSQNLSQFFPEAISFIDE
ARSKKCGVLVHSLAGISRSVTVTVAYLMQKMNLSLNDAYDFVKRKKSNISPNFNFMGQLLDFERTLGLS
;
_entity_poly.pdbx_strand_id   A,B,C,D
#
loop_
_chem_comp.id
_chem_comp.type
_chem_comp.name
_chem_comp.formula
PO4 non-polymer 'PHOSPHATE ION' 'O4 P -3'
#
# COMPACT_ATOMS: atom_id res chain seq x y z
N ALA A 4 -18.03 25.47 -4.75
CA ALA A 4 -17.69 25.91 -3.36
C ALA A 4 -16.36 25.33 -2.88
N PHE A 5 -16.27 24.00 -2.85
CA PHE A 5 -15.08 23.33 -2.30
C PHE A 5 -14.68 22.12 -3.15
N PRO A 6 -13.37 21.90 -3.32
CA PRO A 6 -12.98 20.70 -4.06
C PRO A 6 -13.23 19.46 -3.21
N VAL A 7 -13.57 18.36 -3.88
N VAL A 7 -13.59 18.36 -3.85
CA VAL A 7 -13.84 17.09 -3.22
CA VAL A 7 -13.89 17.14 -3.12
C VAL A 7 -12.55 16.45 -2.75
C VAL A 7 -12.60 16.43 -2.75
N GLN A 8 -12.54 15.95 -1.52
CA GLN A 8 -11.40 15.18 -1.04
C GLN A 8 -11.60 13.72 -1.41
N ILE A 9 -10.80 13.23 -2.35
CA ILE A 9 -10.94 11.87 -2.84
C ILE A 9 -10.25 10.86 -1.93
N LEU A 10 -9.02 11.19 -1.53
CA LEU A 10 -8.25 10.48 -0.50
C LEU A 10 -7.62 11.55 0.38
N PRO A 11 -7.06 11.15 1.55
CA PRO A 11 -6.32 12.14 2.32
C PRO A 11 -5.29 12.81 1.41
N TYR A 12 -5.27 14.14 1.43
CA TYR A 12 -4.32 14.96 0.69
C TYR A 12 -4.58 15.05 -0.80
N LEU A 13 -5.67 14.44 -1.28
CA LEU A 13 -5.98 14.40 -2.71
C LEU A 13 -7.33 15.03 -2.99
N TYR A 14 -7.29 16.15 -3.70
CA TYR A 14 -8.50 16.90 -4.01
C TYR A 14 -8.74 16.98 -5.51
N LEU A 15 -10.02 16.95 -5.87
CA LEU A 15 -10.48 16.96 -7.26
C LEU A 15 -11.38 18.18 -7.47
N GLY A 16 -11.06 18.98 -8.47
CA GLY A 16 -11.81 20.18 -8.70
C GLY A 16 -11.77 20.81 -10.05
N CYS A 17 -12.38 22.00 -10.09
CA CYS A 17 -12.58 22.76 -11.32
C CYS A 17 -11.64 23.99 -11.33
N ALA A 18 -11.70 24.79 -12.39
CA ALA A 18 -10.80 25.95 -12.52
C ALA A 18 -11.01 26.96 -11.38
N LYS A 19 -12.25 27.12 -10.95
CA LYS A 19 -12.58 28.06 -9.88
C LYS A 19 -11.94 27.64 -8.57
N ASP A 20 -11.86 26.33 -8.33
CA ASP A 20 -11.12 25.83 -7.17
C ASP A 20 -9.65 26.21 -7.28
N SER A 21 -9.08 26.08 -8.48
CA SER A 21 -7.67 26.36 -8.69
C SER A 21 -7.26 27.81 -8.48
N THR A 22 -8.22 28.72 -8.57
CA THR A 22 -7.95 30.15 -8.41
C THR A 22 -8.53 30.75 -7.15
N ASN A 23 -8.86 29.90 -6.17
CA ASN A 23 -9.45 30.32 -4.90
C ASN A 23 -8.41 30.14 -3.77
N LEU A 24 -7.66 31.21 -3.50
CA LEU A 24 -6.52 31.13 -2.56
C LEU A 24 -7.00 30.75 -1.16
N ASP A 25 -8.16 31.24 -0.80
CA ASP A 25 -8.75 30.96 0.52
C ASP A 25 -9.00 29.47 0.72
N VAL A 26 -9.63 28.85 -0.27
CA VAL A 26 -9.96 27.44 -0.18
C VAL A 26 -8.73 26.56 -0.26
N LEU A 27 -7.77 26.91 -1.14
CA LEU A 27 -6.53 26.17 -1.22
C LEU A 27 -5.83 26.21 0.15
N GLY A 28 -5.74 27.40 0.75
CA GLY A 28 -5.09 27.55 2.04
C GLY A 28 -5.83 26.85 3.15
N LYS A 29 -7.16 26.86 3.07
CA LYS A 29 -8.02 26.26 4.11
C LYS A 29 -7.71 24.76 4.24
N TYR A 30 -7.50 24.13 3.09
CA TYR A 30 -7.34 22.67 3.06
C TYR A 30 -5.88 22.20 2.93
N GLY A 31 -4.94 23.13 3.02
CA GLY A 31 -3.51 22.78 3.02
C GLY A 31 -3.01 22.36 1.64
N ILE A 32 -3.67 22.85 0.60
CA ILE A 32 -3.26 22.51 -0.77
C ILE A 32 -2.15 23.45 -1.23
N LYS A 33 -0.98 22.89 -1.50
CA LYS A 33 0.15 23.61 -2.07
C LYS A 33 0.64 23.02 -3.42
N TYR A 34 0.12 21.87 -3.84
CA TYR A 34 0.49 21.29 -5.13
C TYR A 34 -0.72 21.36 -6.00
N ILE A 35 -0.54 21.85 -7.22
CA ILE A 35 -1.64 21.94 -8.17
C ILE A 35 -1.28 21.26 -9.50
N LEU A 36 -2.13 20.30 -9.90
CA LEU A 36 -2.00 19.59 -11.16
C LEU A 36 -3.08 20.12 -12.10
N ASN A 37 -2.62 20.96 -13.03
CA ASN A 37 -3.44 21.67 -13.99
C ASN A 37 -3.56 20.86 -15.29
N VAL A 38 -4.67 20.12 -15.43
CA VAL A 38 -4.89 19.24 -16.58
C VAL A 38 -5.65 20.00 -17.67
N THR A 39 -5.00 21.06 -18.14
CA THR A 39 -5.45 21.83 -19.28
C THR A 39 -4.24 22.38 -20.05
N PRO A 40 -4.42 22.72 -21.33
CA PRO A 40 -3.34 23.34 -22.09
C PRO A 40 -3.33 24.85 -22.05
N ASN A 41 -4.38 25.44 -21.48
CA ASN A 41 -4.68 26.85 -21.68
C ASN A 41 -5.09 27.65 -20.44
N LEU A 42 -5.19 27.01 -19.28
CA LEU A 42 -5.47 27.75 -18.06
C LEU A 42 -4.14 28.08 -17.37
N PRO A 43 -4.04 29.28 -16.80
CA PRO A 43 -2.77 29.65 -16.14
C PRO A 43 -2.49 28.83 -14.90
N ASN A 44 -1.20 28.63 -14.63
CA ASN A 44 -0.76 28.18 -13.31
C ASN A 44 -0.77 29.45 -12.46
N ALA A 45 -1.96 29.83 -11.97
CA ALA A 45 -2.18 31.16 -11.45
C ALA A 45 -1.22 31.61 -10.35
N PHE A 46 -0.92 30.70 -9.42
CA PHE A 46 -0.15 31.08 -8.21
C PHE A 46 1.25 30.48 -8.15
N GLU A 47 1.81 30.18 -9.32
CA GLU A 47 3.07 29.47 -9.43
C GLU A 47 4.23 30.32 -8.95
N HIS A 48 4.09 31.64 -9.00
CA HIS A 48 5.27 32.47 -8.88
C HIS A 48 5.29 33.22 -7.59
N GLY A 49 6.42 33.07 -6.90
CA GLY A 49 6.77 33.96 -5.82
C GLY A 49 6.15 33.51 -4.52
N GLY A 50 5.40 32.41 -4.57
CA GLY A 50 4.67 31.92 -3.44
C GLY A 50 5.18 30.54 -2.99
N GLU A 51 4.28 29.79 -2.39
CA GLU A 51 4.57 28.48 -1.78
C GLU A 51 4.06 27.29 -2.59
N PHE A 52 3.54 27.54 -3.79
CA PHE A 52 2.86 26.50 -4.57
C PHE A 52 3.83 25.78 -5.51
N THR A 53 3.55 24.51 -5.78
CA THR A 53 4.26 23.74 -6.80
C THR A 53 3.22 23.30 -7.84
N TYR A 54 3.48 23.62 -9.10
CA TYR A 54 2.56 23.29 -10.19
C TYR A 54 3.15 22.28 -11.17
N LYS A 55 2.25 21.50 -11.75
CA LYS A 55 2.54 20.73 -12.97
C LYS A 55 1.35 20.88 -13.91
N GLN A 56 1.63 21.07 -15.21
CA GLN A 56 0.57 21.24 -16.18
C GLN A 56 0.61 20.07 -17.15
N ILE A 57 -0.55 19.48 -17.40
N ILE A 57 -0.55 19.48 -17.40
CA ILE A 57 -0.73 18.41 -18.36
CA ILE A 57 -0.72 18.40 -18.36
C ILE A 57 -1.56 19.01 -19.49
C ILE A 57 -1.56 19.00 -19.49
N PRO A 58 -0.89 19.41 -20.60
CA PRO A 58 -1.54 20.21 -21.64
C PRO A 58 -2.44 19.42 -22.62
N ILE A 59 -3.59 18.98 -22.10
CA ILE A 59 -4.59 18.17 -22.80
C ILE A 59 -5.95 18.87 -22.78
N SER A 60 -6.59 18.97 -23.93
CA SER A 60 -7.91 19.55 -24.00
C SER A 60 -8.95 18.43 -23.74
N ASP A 61 -10.18 18.83 -23.42
CA ASP A 61 -11.24 17.86 -23.12
C ASP A 61 -11.90 17.51 -24.45
N HIS A 62 -11.28 16.61 -25.19
CA HIS A 62 -11.63 16.44 -26.60
C HIS A 62 -11.24 15.06 -27.06
N TRP A 63 -12.05 14.51 -27.97
CA TRP A 63 -11.86 13.14 -28.47
C TRP A 63 -10.54 12.86 -29.16
N SER A 64 -9.83 13.90 -29.59
CA SER A 64 -8.57 13.76 -30.28
C SER A 64 -7.40 13.55 -29.34
N GLN A 65 -7.60 13.73 -28.04
CA GLN A 65 -6.49 13.86 -27.09
C GLN A 65 -6.04 12.55 -26.44
N ASN A 66 -4.72 12.37 -26.32
CA ASN A 66 -4.09 11.22 -25.63
C ASN A 66 -3.65 11.68 -24.23
N LEU A 67 -4.54 11.46 -23.26
CA LEU A 67 -4.25 11.81 -21.87
C LEU A 67 -3.46 10.72 -21.15
N SER A 68 -3.63 9.45 -21.54
CA SER A 68 -2.90 8.38 -20.82
C SER A 68 -1.37 8.39 -20.96
N GLN A 69 -0.84 8.97 -22.03
CA GLN A 69 0.61 9.14 -22.15
C GLN A 69 1.19 9.91 -20.96
N PHE A 70 0.37 10.76 -20.35
CA PHE A 70 0.78 11.58 -19.22
C PHE A 70 0.50 10.93 -17.86
N PHE A 71 -0.09 9.73 -17.83
CA PHE A 71 -0.43 9.16 -16.51
C PHE A 71 0.78 8.98 -15.56
N PRO A 72 1.93 8.46 -16.07
CA PRO A 72 3.06 8.29 -15.17
C PRO A 72 3.52 9.59 -14.54
N GLU A 73 3.60 10.64 -15.35
CA GLU A 73 4.04 11.96 -14.86
C GLU A 73 3.04 12.51 -13.84
N ALA A 74 1.77 12.41 -14.17
CA ALA A 74 0.67 12.92 -13.30
C ALA A 74 0.62 12.18 -11.99
N ILE A 75 0.65 10.85 -12.08
CA ILE A 75 0.58 10.02 -10.87
C ILE A 75 1.77 10.26 -9.95
N SER A 76 2.98 10.39 -10.51
CA SER A 76 4.16 10.65 -9.68
C SER A 76 4.12 12.02 -8.98
N PHE A 77 3.57 13.00 -9.67
CA PHE A 77 3.37 14.33 -9.07
C PHE A 77 2.37 14.31 -7.92
N ILE A 78 1.24 13.61 -8.09
CA ILE A 78 0.29 13.44 -7.00
C ILE A 78 0.96 12.78 -5.80
N ASP A 79 1.68 11.71 -6.06
CA ASP A 79 2.31 10.98 -4.97
C ASP A 79 3.39 11.78 -4.24
N GLU A 80 4.09 12.63 -4.97
CA GLU A 80 5.07 13.53 -4.39
C GLU A 80 4.40 14.37 -3.30
N ALA A 81 3.27 14.99 -3.62
CA ALA A 81 2.52 15.75 -2.63
C ALA A 81 2.04 14.88 -1.48
N ARG A 82 1.32 13.81 -1.82
CA ARG A 82 0.67 13.01 -0.78
C ARG A 82 1.66 12.39 0.20
N SER A 83 2.84 12.01 -0.30
N SER A 83 2.84 12.01 -0.31
CA SER A 83 3.85 11.34 0.52
CA SER A 83 3.86 11.35 0.50
C SER A 83 4.48 12.24 1.57
C SER A 83 4.40 12.24 1.60
N LYS A 84 4.34 13.55 1.42
CA LYS A 84 4.79 14.48 2.43
C LYS A 84 3.65 15.19 3.13
N LYS A 85 2.46 14.61 2.98
CA LYS A 85 1.26 15.08 3.66
C LYS A 85 0.96 16.53 3.31
N CYS A 86 1.06 16.82 2.01
N CYS A 86 1.11 16.84 2.02
CA CYS A 86 0.74 18.13 1.47
CA CYS A 86 0.74 18.12 1.44
C CYS A 86 -0.42 17.91 0.50
C CYS A 86 -0.46 17.87 0.53
N GLY A 87 -1.44 18.76 0.59
CA GLY A 87 -2.59 18.65 -0.31
C GLY A 87 -2.22 18.92 -1.76
N VAL A 88 -2.78 18.10 -2.66
CA VAL A 88 -2.68 18.33 -4.09
C VAL A 88 -4.08 18.43 -4.68
N LEU A 89 -4.31 19.47 -5.47
CA LEU A 89 -5.53 19.62 -6.26
C LEU A 89 -5.27 19.21 -7.69
N VAL A 90 -6.00 18.20 -8.15
CA VAL A 90 -6.06 17.84 -9.58
C VAL A 90 -7.27 18.55 -10.17
N HIS A 91 -7.06 19.44 -11.13
CA HIS A 91 -8.15 20.20 -11.70
C HIS A 91 -8.13 20.26 -13.22
N SER A 92 -9.30 20.57 -13.74
CA SER A 92 -9.50 20.84 -15.14
C SER A 92 -10.33 22.14 -15.24
N LEU A 93 -11.13 22.33 -16.29
CA LEU A 93 -11.95 23.53 -16.35
C LEU A 93 -13.22 23.29 -15.58
N ALA A 94 -13.92 22.22 -15.92
CA ALA A 94 -15.20 21.90 -15.27
C ALA A 94 -15.12 20.97 -14.06
N GLY A 95 -14.00 20.29 -13.86
CA GLY A 95 -13.86 19.31 -12.79
C GLY A 95 -14.61 18.00 -13.00
N ILE A 96 -14.90 17.63 -14.24
CA ILE A 96 -15.75 16.46 -14.54
C ILE A 96 -15.12 15.43 -15.47
N SER A 97 -14.09 15.78 -16.23
CA SER A 97 -13.58 14.86 -17.27
C SER A 97 -12.08 14.64 -17.19
N ARG A 98 -11.29 15.62 -17.58
CA ARG A 98 -9.83 15.40 -17.60
C ARG A 98 -9.27 15.08 -16.21
N SER A 99 -9.66 15.88 -15.25
CA SER A 99 -9.16 15.76 -13.86
C SER A 99 -9.64 14.45 -13.22
N VAL A 100 -10.88 14.10 -13.51
CA VAL A 100 -11.47 12.85 -13.06
C VAL A 100 -10.69 11.66 -13.65
N THR A 101 -10.32 11.74 -14.93
CA THR A 101 -9.56 10.66 -15.57
C THR A 101 -8.21 10.40 -14.90
N VAL A 102 -7.49 11.47 -14.62
CA VAL A 102 -6.19 11.38 -13.96
C VAL A 102 -6.37 10.84 -12.56
N THR A 103 -7.44 11.25 -11.88
CA THR A 103 -7.70 10.80 -10.50
C THR A 103 -8.02 9.31 -10.45
N VAL A 104 -8.86 8.84 -11.38
CA VAL A 104 -9.15 7.41 -11.50
C VAL A 104 -7.88 6.61 -11.79
N ALA A 105 -7.06 7.08 -12.73
CA ALA A 105 -5.80 6.41 -13.06
C ALA A 105 -4.91 6.29 -11.80
N TYR A 106 -4.84 7.38 -11.03
CA TYR A 106 -4.05 7.40 -9.80
C TYR A 106 -4.55 6.31 -8.84
N LEU A 107 -5.85 6.21 -8.69
CA LEU A 107 -6.41 5.25 -7.74
C LEU A 107 -6.15 3.83 -8.22
N MET A 108 -6.25 3.60 -9.53
CA MET A 108 -6.00 2.26 -10.07
C MET A 108 -4.58 1.80 -9.72
N GLN A 109 -3.62 2.67 -9.99
CA GLN A 109 -2.21 2.34 -9.78
C GLN A 109 -1.85 2.28 -8.28
N LYS A 110 -2.22 3.31 -7.54
CA LYS A 110 -1.78 3.44 -6.15
C LYS A 110 -2.51 2.49 -5.20
N MET A 111 -3.79 2.25 -5.43
CA MET A 111 -4.54 1.36 -4.55
C MET A 111 -4.80 -0.01 -5.16
N ASN A 112 -4.17 -0.30 -6.29
CA ASN A 112 -4.33 -1.55 -7.01
C ASN A 112 -5.79 -1.92 -7.22
N LEU A 113 -6.50 -0.95 -7.78
CA LEU A 113 -7.93 -1.09 -8.06
C LEU A 113 -8.17 -1.31 -9.53
N SER A 114 -9.11 -2.18 -9.85
CA SER A 114 -9.62 -2.24 -11.22
C SER A 114 -10.23 -0.90 -11.64
N LEU A 115 -10.33 -0.66 -12.93
CA LEU A 115 -11.01 0.54 -13.40
C LEU A 115 -12.39 0.61 -12.79
N ASN A 116 -13.10 -0.52 -12.79
CA ASN A 116 -14.46 -0.52 -12.27
C ASN A 116 -14.58 -0.08 -10.81
N ASP A 117 -13.68 -0.57 -9.98
CA ASP A 117 -13.69 -0.23 -8.56
C ASP A 117 -13.25 1.23 -8.33
N ALA A 118 -12.24 1.67 -9.07
CA ALA A 118 -11.78 3.08 -9.00
C ALA A 118 -12.86 4.06 -9.42
N TYR A 119 -13.53 3.75 -10.53
N TYR A 119 -13.55 3.76 -10.53
CA TYR A 119 -14.60 4.61 -11.08
CA TYR A 119 -14.60 4.64 -11.05
C TYR A 119 -15.77 4.71 -10.12
C TYR A 119 -15.77 4.71 -10.09
N ASP A 120 -16.20 3.55 -9.60
CA ASP A 120 -17.28 3.45 -8.61
C ASP A 120 -16.95 4.35 -7.39
N PHE A 121 -15.70 4.26 -6.92
CA PHE A 121 -15.23 4.99 -5.74
C PHE A 121 -15.38 6.50 -5.98
N VAL A 122 -14.89 6.98 -7.13
CA VAL A 122 -14.95 8.41 -7.45
C VAL A 122 -16.41 8.85 -7.71
N LYS A 123 -17.17 8.06 -8.48
CA LYS A 123 -18.56 8.39 -8.82
C LYS A 123 -19.42 8.57 -7.57
N ARG A 124 -19.17 7.75 -6.55
CA ARG A 124 -19.92 7.85 -5.30
C ARG A 124 -19.59 9.13 -4.52
N LYS A 125 -18.36 9.63 -4.69
CA LYS A 125 -17.93 10.89 -4.03
C LYS A 125 -18.27 12.12 -4.82
N LYS A 126 -18.54 11.96 -6.12
CA LYS A 126 -18.79 13.09 -7.01
C LYS A 126 -19.69 12.62 -8.15
N SER A 127 -21.01 12.79 -7.96
CA SER A 127 -21.97 12.12 -8.84
C SER A 127 -22.00 12.71 -10.25
N ASN A 128 -21.49 13.92 -10.39
CA ASN A 128 -21.49 14.64 -11.67
C ASN A 128 -20.33 14.31 -12.60
N ILE A 129 -19.47 13.35 -12.27
CA ILE A 129 -18.32 13.07 -13.12
C ILE A 129 -18.79 12.62 -14.50
N SER A 130 -18.08 13.06 -15.54
N SER A 130 -18.08 13.07 -15.54
CA SER A 130 -18.48 12.82 -16.93
CA SER A 130 -18.47 12.83 -16.93
C SER A 130 -17.23 12.69 -17.82
C SER A 130 -17.23 12.70 -17.82
N PRO A 131 -16.36 11.73 -17.49
CA PRO A 131 -15.12 11.56 -18.28
C PRO A 131 -15.42 11.22 -19.75
N ASN A 132 -14.76 11.95 -20.67
CA ASN A 132 -15.02 11.82 -22.08
C ASN A 132 -14.75 10.38 -22.53
N PHE A 133 -15.58 9.89 -23.46
CA PHE A 133 -15.52 8.48 -23.92
C PHE A 133 -14.12 8.02 -24.32
N ASN A 134 -13.32 8.89 -24.96
CA ASN A 134 -11.97 8.49 -25.36
C ASN A 134 -11.03 8.30 -24.16
N PHE A 135 -11.19 9.11 -23.13
CA PHE A 135 -10.42 8.97 -21.90
C PHE A 135 -10.80 7.67 -21.16
N MET A 136 -12.08 7.31 -21.19
CA MET A 136 -12.48 6.02 -20.62
C MET A 136 -11.87 4.87 -21.43
N GLY A 137 -11.83 5.00 -22.75
CA GLY A 137 -11.09 4.01 -23.55
C GLY A 137 -9.63 3.90 -23.14
N GLN A 138 -9.02 5.06 -22.88
CA GLN A 138 -7.62 5.07 -22.45
C GLN A 138 -7.41 4.51 -21.05
N LEU A 139 -8.38 4.71 -20.16
CA LEU A 139 -8.35 4.07 -18.84
C LEU A 139 -8.45 2.54 -18.95
N LEU A 140 -9.25 2.06 -19.90
CA LEU A 140 -9.33 0.63 -20.20
C LEU A 140 -8.00 0.07 -20.66
N ASP A 141 -7.31 0.81 -21.51
CA ASP A 141 -5.96 0.42 -21.96
C ASP A 141 -4.96 0.41 -20.79
N PHE A 142 -5.03 1.44 -19.95
CA PHE A 142 -4.14 1.57 -18.81
C PHE A 142 -4.37 0.43 -17.80
N GLU A 143 -5.62 0.04 -17.61
CA GLU A 143 -5.92 -1.10 -16.78
C GLU A 143 -5.15 -2.34 -17.27
N ARG A 144 -5.12 -2.56 -18.58
CA ARG A 144 -4.36 -3.69 -19.13
C ARG A 144 -2.86 -3.57 -18.86
N THR A 145 -2.30 -2.36 -18.97
N THR A 145 -2.33 -2.36 -18.99
CA THR A 145 -0.87 -2.17 -18.75
CA THR A 145 -0.90 -2.13 -18.75
C THR A 145 -0.48 -2.38 -17.29
C THR A 145 -0.52 -2.46 -17.31
N LEU A 146 -1.40 -2.11 -16.37
CA LEU A 146 -1.14 -2.34 -14.95
C LEU A 146 -1.26 -3.82 -14.56
N GLY A 147 -1.89 -4.62 -15.40
CA GLY A 147 -2.14 -6.04 -15.10
C GLY A 147 -3.40 -6.25 -14.26
N LEU A 148 -4.29 -5.28 -14.31
CA LEU A 148 -5.54 -5.31 -13.55
C LEU A 148 -6.69 -5.77 -14.44
N SER A 149 -6.33 -6.13 -15.68
CA SER A 149 -7.17 -6.93 -16.58
C SER A 149 -6.28 -7.60 -17.63
N PHE B 5 -29.20 3.68 1.39
CA PHE B 5 -28.27 2.57 1.13
C PHE B 5 -27.07 2.71 2.06
N PRO B 6 -26.31 1.63 2.25
CA PRO B 6 -25.11 1.80 3.05
C PRO B 6 -24.05 2.52 2.24
N VAL B 7 -23.27 3.38 2.91
N VAL B 7 -23.26 3.35 2.94
CA VAL B 7 -22.25 4.15 2.22
CA VAL B 7 -22.20 4.12 2.32
C VAL B 7 -21.00 3.29 1.99
C VAL B 7 -21.00 3.22 1.99
N GLN B 8 -20.43 3.39 0.79
CA GLN B 8 -19.20 2.66 0.43
C GLN B 8 -18.03 3.54 0.87
N ILE B 9 -17.28 3.07 1.86
CA ILE B 9 -16.15 3.78 2.44
C ILE B 9 -14.89 3.55 1.62
N LEU B 10 -14.64 2.29 1.32
CA LEU B 10 -13.59 1.86 0.37
C LEU B 10 -14.23 0.81 -0.52
N PRO B 11 -13.59 0.48 -1.67
CA PRO B 11 -14.12 -0.66 -2.39
C PRO B 11 -14.32 -1.87 -1.43
N TYR B 12 -15.49 -2.49 -1.51
CA TYR B 12 -15.86 -3.68 -0.76
C TYR B 12 -16.12 -3.42 0.73
N LEU B 13 -16.09 -2.15 1.16
CA LEU B 13 -16.33 -1.80 2.57
C LEU B 13 -17.49 -0.82 2.67
N TYR B 14 -18.54 -1.25 3.37
CA TYR B 14 -19.78 -0.49 3.49
C TYR B 14 -20.03 -0.25 4.98
N LEU B 15 -20.63 0.90 5.27
CA LEU B 15 -20.92 1.37 6.62
C LEU B 15 -22.40 1.67 6.69
N GLY B 16 -23.07 1.07 7.65
CA GLY B 16 -24.49 1.25 7.74
C GLY B 16 -25.13 1.02 9.07
N CYS B 17 -26.47 1.03 9.02
CA CYS B 17 -27.33 0.92 10.18
C CYS B 17 -28.03 -0.43 10.18
N ALA B 18 -28.88 -0.66 11.18
CA ALA B 18 -29.52 -1.95 11.30
C ALA B 18 -30.44 -2.27 10.10
N LYS B 19 -31.11 -1.25 9.55
CA LYS B 19 -32.02 -1.47 8.43
C LYS B 19 -31.24 -1.94 7.19
N ASP B 20 -30.01 -1.43 7.03
CA ASP B 20 -29.12 -1.94 5.95
C ASP B 20 -28.79 -3.43 6.14
N SER B 21 -28.59 -3.82 7.40
CA SER B 21 -28.27 -5.23 7.72
C SER B 21 -29.40 -6.23 7.47
N THR B 22 -30.63 -5.73 7.39
CA THR B 22 -31.78 -6.58 7.21
C THR B 22 -32.47 -6.35 5.87
N ASN B 23 -31.74 -5.74 4.94
CA ASN B 23 -32.21 -5.49 3.60
C ASN B 23 -31.51 -6.41 2.58
N LEU B 24 -32.09 -7.59 2.35
N LEU B 24 -32.11 -7.58 2.36
CA LEU B 24 -31.47 -8.60 1.47
CA LEU B 24 -31.51 -8.61 1.51
C LEU B 24 -31.24 -8.08 0.06
C LEU B 24 -31.27 -8.12 0.08
N ASP B 25 -32.20 -7.33 -0.44
CA ASP B 25 -32.11 -6.76 -1.80
C ASP B 25 -30.84 -5.90 -1.97
N VAL B 26 -30.63 -4.99 -1.02
N VAL B 26 -30.62 -4.98 -1.03
CA VAL B 26 -29.50 -4.07 -1.11
CA VAL B 26 -29.49 -4.06 -1.13
C VAL B 26 -28.18 -4.77 -0.82
C VAL B 26 -28.17 -4.76 -0.82
N LEU B 27 -28.17 -5.70 0.13
CA LEU B 27 -26.99 -6.52 0.38
C LEU B 27 -26.58 -7.26 -0.91
N GLY B 28 -27.53 -7.92 -1.55
CA GLY B 28 -27.28 -8.63 -2.79
C GLY B 28 -26.93 -7.71 -3.95
N LYS B 29 -27.55 -6.54 -4.01
CA LYS B 29 -27.27 -5.55 -5.06
C LYS B 29 -25.78 -5.18 -5.10
N TYR B 30 -25.18 -5.00 -3.91
CA TYR B 30 -23.81 -4.50 -3.82
C TYR B 30 -22.75 -5.58 -3.51
N GLY B 31 -23.17 -6.84 -3.53
CA GLY B 31 -22.25 -7.97 -3.42
C GLY B 31 -21.76 -8.15 -1.99
N ILE B 32 -22.58 -7.72 -1.04
CA ILE B 32 -22.23 -7.86 0.37
C ILE B 32 -22.62 -9.23 0.89
N LYS B 33 -21.61 -10.00 1.31
CA LYS B 33 -21.80 -11.32 1.92
C LYS B 33 -21.22 -11.46 3.32
N TYR B 34 -20.43 -10.49 3.76
CA TYR B 34 -19.86 -10.50 5.12
C TYR B 34 -20.53 -9.38 5.90
N ILE B 35 -21.01 -9.66 7.10
CA ILE B 35 -21.68 -8.68 7.94
C ILE B 35 -21.03 -8.65 9.32
N LEU B 36 -20.50 -7.49 9.69
CA LEU B 36 -19.93 -7.24 11.01
C LEU B 36 -20.95 -6.43 11.83
N ASN B 37 -21.55 -7.15 12.79
CA ASN B 37 -22.65 -6.69 13.59
C ASN B 37 -22.09 -6.18 14.92
N VAL B 38 -21.95 -4.87 15.04
CA VAL B 38 -21.33 -4.26 16.22
C VAL B 38 -22.42 -3.85 17.20
N THR B 39 -23.16 -4.85 17.66
CA THR B 39 -24.17 -4.72 18.71
C THR B 39 -24.20 -6.02 19.52
N PRO B 40 -24.70 -5.96 20.77
CA PRO B 40 -24.78 -7.16 21.56
C PRO B 40 -26.15 -7.80 21.47
N ASN B 41 -27.07 -7.14 20.78
CA ASN B 41 -28.49 -7.48 20.87
C ASN B 41 -29.27 -7.53 19.57
N LEU B 42 -28.67 -7.17 18.44
CA LEU B 42 -29.36 -7.31 17.16
C LEU B 42 -29.02 -8.65 16.56
N PRO B 43 -30.02 -9.31 15.92
CA PRO B 43 -29.73 -10.63 15.36
C PRO B 43 -28.77 -10.59 14.17
N ASN B 44 -28.06 -11.70 13.98
CA ASN B 44 -27.37 -11.99 12.74
C ASN B 44 -28.45 -12.56 11.81
N ALA B 45 -29.25 -11.68 11.23
CA ALA B 45 -30.53 -12.07 10.61
C ALA B 45 -30.43 -13.18 9.55
N PHE B 46 -29.43 -13.12 8.70
CA PHE B 46 -29.35 -14.01 7.54
C PHE B 46 -28.18 -14.99 7.64
N GLU B 47 -27.80 -15.32 8.87
N GLU B 47 -27.79 -15.32 8.86
CA GLU B 47 -26.64 -16.18 9.09
CA GLU B 47 -26.63 -16.17 9.08
C GLU B 47 -26.85 -17.62 8.63
C GLU B 47 -26.85 -17.59 8.55
N HIS B 48 -28.11 -18.02 8.42
CA HIS B 48 -28.42 -19.43 8.05
C HIS B 48 -29.04 -19.62 6.67
N GLY B 49 -28.27 -20.25 5.76
CA GLY B 49 -28.73 -20.64 4.42
C GLY B 49 -28.65 -19.62 3.29
N GLY B 50 -28.00 -18.48 3.53
CA GLY B 50 -28.01 -17.37 2.57
C GLY B 50 -26.63 -16.97 2.06
N GLU B 51 -25.66 -17.85 2.29
CA GLU B 51 -24.26 -17.65 1.89
C GLU B 51 -23.57 -16.49 2.60
N PHE B 52 -24.14 -16.05 3.72
CA PHE B 52 -23.54 -14.98 4.48
C PHE B 52 -22.56 -15.49 5.52
N THR B 53 -21.60 -14.64 5.85
CA THR B 53 -20.68 -14.85 6.95
C THR B 53 -20.82 -13.68 7.94
N TYR B 54 -21.06 -14.00 9.21
CA TYR B 54 -21.25 -12.98 10.22
C TYR B 54 -20.16 -12.99 11.28
N LYS B 55 -19.91 -11.82 11.82
CA LYS B 55 -19.18 -11.68 13.09
C LYS B 55 -19.90 -10.64 13.92
N GLN B 56 -20.10 -10.94 15.20
CA GLN B 56 -20.75 -10.04 16.12
C GLN B 56 -19.75 -9.55 17.20
N ILE B 57 -19.71 -8.24 17.38
CA ILE B 57 -18.89 -7.59 18.40
C ILE B 57 -19.90 -6.99 19.41
N PRO B 58 -20.05 -7.65 20.57
CA PRO B 58 -21.19 -7.40 21.44
C PRO B 58 -20.95 -6.22 22.39
N ILE B 59 -21.01 -5.04 21.78
CA ILE B 59 -20.72 -3.77 22.45
C ILE B 59 -21.90 -2.82 22.28
N SER B 60 -22.35 -2.20 23.38
CA SER B 60 -23.45 -1.24 23.30
C SER B 60 -22.89 0.18 23.02
N ASP B 61 -23.74 1.08 22.55
CA ASP B 61 -23.32 2.45 22.27
C ASP B 61 -23.37 3.23 23.57
N HIS B 62 -22.34 3.05 24.39
CA HIS B 62 -22.42 3.51 25.75
C HIS B 62 -21.05 3.78 26.32
N TRP B 63 -21.01 4.77 27.23
CA TRP B 63 -19.75 5.24 27.82
C TRP B 63 -18.98 4.19 28.56
N SER B 64 -19.65 3.16 29.04
CA SER B 64 -19.00 2.08 29.77
C SER B 64 -18.23 1.05 28.97
N GLN B 65 -18.32 1.09 27.63
CA GLN B 65 -17.91 -0.05 26.81
C GLN B 65 -16.50 0.09 26.28
N ASN B 66 -15.78 -1.03 26.25
CA ASN B 66 -14.46 -1.11 25.65
C ASN B 66 -14.58 -1.72 24.26
N LEU B 67 -14.63 -0.86 23.25
CA LEU B 67 -14.73 -1.31 21.86
C LEU B 67 -13.35 -1.59 21.29
N SER B 68 -12.32 -0.85 21.73
CA SER B 68 -11.00 -1.02 21.11
C SER B 68 -10.36 -2.40 21.33
N GLN B 69 -10.76 -3.13 22.38
CA GLN B 69 -10.31 -4.50 22.58
C GLN B 69 -10.73 -5.39 21.41
N PHE B 70 -11.79 -5.00 20.71
CA PHE B 70 -12.29 -5.75 19.55
C PHE B 70 -11.72 -5.27 18.20
N PHE B 71 -10.84 -4.27 18.19
CA PHE B 71 -10.29 -3.83 16.90
C PHE B 71 -9.57 -4.93 16.10
N PRO B 72 -8.72 -5.77 16.75
CA PRO B 72 -8.06 -6.79 15.97
C PRO B 72 -9.05 -7.75 15.26
N GLU B 73 -10.07 -8.21 15.98
CA GLU B 73 -11.11 -9.08 15.43
C GLU B 73 -11.87 -8.39 14.30
N ALA B 74 -12.28 -7.15 14.52
CA ALA B 74 -13.01 -6.41 13.48
C ALA B 74 -12.15 -6.25 12.23
N ILE B 75 -10.91 -5.83 12.40
CA ILE B 75 -10.01 -5.58 11.28
C ILE B 75 -9.72 -6.87 10.49
N SER B 76 -9.49 -7.97 11.19
CA SER B 76 -9.23 -9.24 10.52
C SER B 76 -10.44 -9.67 9.67
N PHE B 77 -11.63 -9.49 10.22
CA PHE B 77 -12.85 -9.90 9.52
C PHE B 77 -13.09 -9.04 8.29
N ILE B 78 -12.91 -7.73 8.43
CA ILE B 78 -13.02 -6.83 7.28
C ILE B 78 -12.03 -7.20 6.18
N ASP B 79 -10.78 -7.46 6.54
CA ASP B 79 -9.76 -7.80 5.52
C ASP B 79 -10.03 -9.13 4.87
N GLU B 80 -10.59 -10.07 5.62
CA GLU B 80 -10.93 -11.38 5.07
C GLU B 80 -11.89 -11.21 3.89
N ALA B 81 -12.88 -10.34 4.07
CA ALA B 81 -13.85 -10.05 3.02
C ALA B 81 -13.23 -9.27 1.87
N ARG B 82 -12.60 -8.14 2.20
CA ARG B 82 -12.13 -7.22 1.17
C ARG B 82 -11.07 -7.81 0.27
N SER B 83 -10.17 -8.62 0.86
CA SER B 83 -9.05 -9.15 0.11
C SER B 83 -9.48 -10.14 -0.96
N LYS B 84 -10.65 -10.76 -0.81
CA LYS B 84 -11.18 -11.66 -1.84
C LYS B 84 -12.29 -10.99 -2.64
N LYS B 85 -12.33 -9.66 -2.57
CA LYS B 85 -13.28 -8.85 -3.34
C LYS B 85 -14.73 -9.23 -3.05
N CYS B 86 -15.01 -9.42 -1.78
N CYS B 86 -15.01 -9.44 -1.78
CA CYS B 86 -16.37 -9.68 -1.30
CA CYS B 86 -16.36 -9.66 -1.28
C CYS B 86 -16.75 -8.51 -0.41
C CYS B 86 -16.74 -8.47 -0.43
N GLY B 87 -17.96 -7.98 -0.59
CA GLY B 87 -18.42 -6.82 0.19
C GLY B 87 -18.65 -7.21 1.64
N VAL B 88 -18.27 -6.30 2.53
CA VAL B 88 -18.54 -6.42 3.96
C VAL B 88 -19.24 -5.17 4.46
N LEU B 89 -20.33 -5.36 5.21
CA LEU B 89 -21.10 -4.29 5.83
C LEU B 89 -20.71 -4.24 7.30
N VAL B 90 -20.18 -3.11 7.73
CA VAL B 90 -19.96 -2.84 9.16
C VAL B 90 -21.18 -2.05 9.60
N HIS B 91 -21.94 -2.61 10.55
CA HIS B 91 -23.14 -1.94 11.02
C HIS B 91 -23.32 -1.91 12.53
N SER B 92 -24.16 -0.98 12.97
CA SER B 92 -24.55 -0.88 14.35
C SER B 92 -26.09 -0.68 14.32
N LEU B 93 -26.69 0.02 15.29
CA LEU B 93 -28.14 0.28 15.22
C LEU B 93 -28.37 1.49 14.32
N ALA B 94 -27.72 2.60 14.68
CA ALA B 94 -27.90 3.89 13.99
C ALA B 94 -26.93 4.14 12.82
N GLY B 95 -25.84 3.38 12.75
CA GLY B 95 -24.82 3.63 11.73
C GLY B 95 -24.02 4.91 11.97
N ILE B 96 -23.93 5.37 13.23
CA ILE B 96 -23.26 6.64 13.52
C ILE B 96 -22.16 6.58 14.55
N SER B 97 -22.09 5.55 15.40
CA SER B 97 -21.10 5.53 16.47
C SER B 97 -20.24 4.26 16.54
N ARG B 98 -20.81 3.14 16.95
CA ARG B 98 -20.01 1.92 17.06
C ARG B 98 -19.40 1.47 15.71
N SER B 99 -20.23 1.47 14.68
CA SER B 99 -19.80 1.01 13.34
C SER B 99 -18.77 1.98 12.76
N VAL B 100 -18.99 3.28 13.00
CA VAL B 100 -18.06 4.32 12.55
C VAL B 100 -16.70 4.14 13.23
N THR B 101 -16.71 3.87 14.54
CA THR B 101 -15.48 3.73 15.31
C THR B 101 -14.61 2.59 14.76
N VAL B 102 -15.22 1.43 14.55
CA VAL B 102 -14.52 0.30 13.97
C VAL B 102 -13.96 0.61 12.59
N THR B 103 -14.74 1.33 11.79
CA THR B 103 -14.37 1.67 10.40
C THR B 103 -13.17 2.60 10.43
N VAL B 104 -13.19 3.58 11.33
CA VAL B 104 -12.08 4.53 11.47
C VAL B 104 -10.82 3.81 11.92
N ALA B 105 -10.93 2.91 12.91
CA ALA B 105 -9.79 2.09 13.32
C ALA B 105 -9.24 1.27 12.17
N TYR B 106 -10.14 0.69 11.36
CA TYR B 106 -9.69 -0.10 10.21
C TYR B 106 -8.85 0.76 9.27
N LEU B 107 -9.34 1.94 8.95
CA LEU B 107 -8.62 2.83 8.03
C LEU B 107 -7.26 3.25 8.59
N MET B 108 -7.21 3.51 9.89
CA MET B 108 -5.96 3.89 10.52
C MET B 108 -4.88 2.82 10.34
N GLN B 109 -5.25 1.59 10.65
CA GLN B 109 -4.32 0.48 10.58
C GLN B 109 -4.03 0.10 9.13
N LYS B 110 -5.05 0.00 8.30
CA LYS B 110 -4.88 -0.55 6.94
C LYS B 110 -4.22 0.46 6.01
N MET B 111 -4.59 1.73 6.13
CA MET B 111 -4.04 2.76 5.24
C MET B 111 -2.92 3.58 5.85
N ASN B 112 -2.48 3.20 7.05
N ASN B 112 -2.49 3.22 7.06
CA ASN B 112 -1.46 3.97 7.77
CA ASN B 112 -1.45 3.96 7.79
C ASN B 112 -1.86 5.44 7.84
C ASN B 112 -1.80 5.43 7.98
N LEU B 113 -3.04 5.69 8.40
CA LEU B 113 -3.56 7.05 8.56
C LEU B 113 -3.59 7.47 10.00
N SER B 114 -3.36 8.75 10.24
CA SER B 114 -3.63 9.31 11.55
C SER B 114 -5.12 9.22 11.85
N LEU B 115 -5.49 9.32 13.12
CA LEU B 115 -6.90 9.45 13.47
C LEU B 115 -7.55 10.60 12.73
N ASN B 116 -6.92 11.76 12.75
CA ASN B 116 -7.52 12.93 12.14
C ASN B 116 -7.76 12.77 10.64
N ASP B 117 -6.82 12.16 9.92
CA ASP B 117 -7.01 11.92 8.49
C ASP B 117 -8.09 10.87 8.20
N ALA B 118 -8.11 9.78 8.98
CA ALA B 118 -9.17 8.74 8.85
C ALA B 118 -10.54 9.30 9.17
N TYR B 119 -10.64 10.08 10.25
N TYR B 119 -10.63 10.10 10.24
CA TYR B 119 -11.91 10.68 10.66
CA TYR B 119 -11.90 10.68 10.64
C TYR B 119 -12.43 11.65 9.58
C TYR B 119 -12.43 11.64 9.57
N ASP B 120 -11.56 12.51 9.08
CA ASP B 120 -11.88 13.44 7.99
C ASP B 120 -12.46 12.67 6.80
N PHE B 121 -11.77 11.61 6.39
CA PHE B 121 -12.15 10.80 5.23
C PHE B 121 -13.57 10.26 5.39
N VAL B 122 -13.86 9.69 6.56
CA VAL B 122 -15.18 9.13 6.80
C VAL B 122 -16.25 10.22 6.92
N LYS B 123 -15.93 11.26 7.68
N LYS B 123 -15.94 11.28 7.67
CA LYS B 123 -16.85 12.39 7.90
CA LYS B 123 -16.91 12.36 7.89
C LYS B 123 -17.34 13.01 6.59
C LYS B 123 -17.35 13.03 6.58
N ARG B 124 -16.42 13.21 5.65
CA ARG B 124 -16.75 13.76 4.33
C ARG B 124 -17.68 12.83 3.51
N LYS B 125 -17.59 11.50 3.73
CA LYS B 125 -18.47 10.52 3.07
C LYS B 125 -19.81 10.31 3.75
N LYS B 126 -19.90 10.65 5.04
CA LYS B 126 -21.09 10.42 5.86
C LYS B 126 -21.14 11.50 6.94
N SER B 127 -21.84 12.60 6.64
CA SER B 127 -21.74 13.79 7.46
C SER B 127 -22.31 13.59 8.85
N ASN B 128 -23.19 12.61 9.01
CA ASN B 128 -23.89 12.37 10.27
C ASN B 128 -23.16 11.49 11.29
N ILE B 129 -21.92 11.09 11.01
CA ILE B 129 -21.20 10.26 11.97
C ILE B 129 -21.07 11.02 13.30
N SER B 130 -21.22 10.26 14.39
CA SER B 130 -21.32 10.83 15.72
C SER B 130 -20.81 9.83 16.76
N PRO B 131 -19.55 9.41 16.63
CA PRO B 131 -19.00 8.43 17.53
C PRO B 131 -18.92 8.95 18.97
N ASN B 132 -19.35 8.11 19.89
CA ASN B 132 -19.46 8.47 21.30
C ASN B 132 -18.10 8.88 21.86
N PHE B 133 -18.08 9.86 22.77
CA PHE B 133 -16.80 10.41 23.31
C PHE B 133 -15.84 9.35 23.82
N ASN B 134 -16.36 8.29 24.46
CA ASN B 134 -15.48 7.25 24.98
C ASN B 134 -14.78 6.49 23.85
N PHE B 135 -15.52 6.24 22.77
CA PHE B 135 -14.97 5.57 21.60
C PHE B 135 -13.92 6.47 20.94
N MET B 136 -14.12 7.78 20.90
CA MET B 136 -13.08 8.67 20.35
C MET B 136 -11.83 8.64 21.24
N GLY B 137 -12.03 8.57 22.56
CA GLY B 137 -10.93 8.36 23.49
C GLY B 137 -10.12 7.11 23.18
N GLN B 138 -10.84 6.03 22.91
CA GLN B 138 -10.22 4.77 22.57
C GLN B 138 -9.49 4.83 21.23
N LEU B 139 -10.02 5.57 20.27
CA LEU B 139 -9.30 5.73 19.00
C LEU B 139 -8.01 6.54 19.19
N LEU B 140 -8.04 7.53 20.11
CA LEU B 140 -6.84 8.30 20.43
C LEU B 140 -5.78 7.41 21.06
N ASP B 141 -6.21 6.51 21.93
CA ASP B 141 -5.30 5.54 22.54
C ASP B 141 -4.78 4.57 21.48
N PHE B 142 -5.65 4.14 20.58
CA PHE B 142 -5.26 3.22 19.51
C PHE B 142 -4.24 3.90 18.58
N GLU B 143 -4.44 5.20 18.28
CA GLU B 143 -3.50 5.91 17.47
C GLU B 143 -2.08 5.87 18.08
N ARG B 144 -2.00 5.98 19.40
CA ARG B 144 -0.72 5.97 20.11
C ARG B 144 -0.01 4.64 19.93
N THR B 145 -0.77 3.56 19.98
N THR B 145 -0.79 3.57 19.96
CA THR B 145 -0.19 2.23 19.82
CA THR B 145 -0.25 2.22 19.82
C THR B 145 0.39 2.09 18.41
C THR B 145 0.27 1.95 18.41
N LEU B 146 -0.28 2.63 17.41
CA LEU B 146 0.15 2.50 16.03
C LEU B 146 1.43 3.30 15.76
N GLY B 147 1.58 4.41 16.47
CA GLY B 147 2.75 5.29 16.32
C GLY B 147 2.39 6.49 15.45
N ALA C 4 28.36 -12.20 -11.47
CA ALA C 4 27.70 -10.96 -10.99
C ALA C 4 26.33 -10.71 -11.64
N PHE C 5 25.33 -10.54 -10.77
CA PHE C 5 23.99 -10.11 -11.18
C PHE C 5 23.59 -8.91 -10.31
N PRO C 6 22.74 -8.03 -10.84
CA PRO C 6 22.26 -6.94 -10.01
C PRO C 6 21.28 -7.49 -8.99
N VAL C 7 21.29 -6.92 -7.79
N VAL C 7 21.28 -6.94 -7.79
CA VAL C 7 20.40 -7.34 -6.71
CA VAL C 7 20.40 -7.43 -6.74
C VAL C 7 18.97 -6.90 -7.00
C VAL C 7 18.98 -6.89 -6.90
N GLN C 8 18.00 -7.78 -6.77
CA GLN C 8 16.60 -7.38 -6.84
C GLN C 8 16.23 -6.85 -5.46
N ILE C 9 15.89 -5.57 -5.41
CA ILE C 9 15.50 -4.91 -4.16
C ILE C 9 14.03 -5.09 -3.85
N LEU C 10 13.21 -4.90 -4.87
CA LEU C 10 11.78 -5.18 -4.84
C LEU C 10 11.47 -5.82 -6.18
N PRO C 11 10.29 -6.45 -6.32
CA PRO C 11 9.95 -6.89 -7.67
C PRO C 11 10.13 -5.73 -8.68
N TYR C 12 10.78 -6.05 -9.80
CA TYR C 12 11.03 -5.10 -10.91
C TYR C 12 12.06 -4.03 -10.66
N LEU C 13 12.70 -4.06 -9.48
CA LEU C 13 13.67 -3.04 -9.09
C LEU C 13 15.00 -3.68 -8.77
N TYR C 14 16.01 -3.32 -9.58
CA TYR C 14 17.33 -3.88 -9.47
C TYR C 14 18.31 -2.77 -9.17
N LEU C 15 19.35 -3.12 -8.41
CA LEU C 15 20.41 -2.20 -7.97
C LEU C 15 21.75 -2.77 -8.40
N GLY C 16 22.56 -1.97 -9.06
CA GLY C 16 23.79 -2.49 -9.56
C GLY C 16 24.84 -1.48 -9.94
N CYS C 17 25.88 -2.01 -10.59
CA CYS C 17 27.08 -1.27 -10.94
C CYS C 17 27.16 -1.10 -12.46
N ALA C 18 28.22 -0.45 -12.93
CA ALA C 18 28.38 -0.12 -14.37
C ALA C 18 28.39 -1.39 -15.23
N LYS C 19 29.06 -2.43 -14.72
CA LYS C 19 29.14 -3.71 -15.45
C LYS C 19 27.77 -4.36 -15.63
N ASP C 20 26.89 -4.20 -14.64
CA ASP C 20 25.50 -4.66 -14.80
C ASP C 20 24.81 -3.91 -15.93
N SER C 21 25.06 -2.59 -15.99
CA SER C 21 24.44 -1.73 -17.01
C SER C 21 24.87 -2.02 -18.45
N THR C 22 26.00 -2.70 -18.61
CA THR C 22 26.49 -2.99 -19.93
C THR C 22 26.46 -4.46 -20.28
N ASN C 23 25.67 -5.23 -19.54
CA ASN C 23 25.55 -6.66 -19.75
C ASN C 23 24.15 -6.99 -20.35
N LEU C 24 24.09 -7.04 -21.68
CA LEU C 24 22.82 -7.25 -22.39
C LEU C 24 22.15 -8.57 -21.99
N ASP C 25 22.95 -9.61 -21.80
CA ASP C 25 22.45 -10.96 -21.40
C ASP C 25 21.72 -10.89 -20.06
N VAL C 26 22.36 -10.28 -19.07
CA VAL C 26 21.79 -10.20 -17.74
C VAL C 26 20.57 -9.27 -17.72
N LEU C 27 20.67 -8.11 -18.39
CA LEU C 27 19.50 -7.22 -18.54
C LEU C 27 18.34 -7.98 -19.17
N GLY C 28 18.58 -8.69 -20.28
CA GLY C 28 17.53 -9.47 -20.93
C GLY C 28 17.02 -10.63 -20.06
N LYS C 29 17.93 -11.28 -19.34
CA LYS C 29 17.54 -12.41 -18.46
C LYS C 29 16.49 -11.99 -17.45
N TYR C 30 16.66 -10.79 -16.88
CA TYR C 30 15.78 -10.34 -15.79
C TYR C 30 14.66 -9.39 -16.23
N GLY C 31 14.53 -9.17 -17.52
CA GLY C 31 13.43 -8.37 -18.04
C GLY C 31 13.62 -6.89 -17.77
N ILE C 32 14.88 -6.46 -17.67
CA ILE C 32 15.18 -5.05 -17.44
C ILE C 32 15.25 -4.28 -18.76
N LYS C 33 14.32 -3.32 -18.91
CA LYS C 33 14.29 -2.41 -20.07
C LYS C 33 14.48 -0.93 -19.73
N TYR C 34 14.36 -0.56 -18.45
CA TYR C 34 14.57 0.81 -17.98
C TYR C 34 15.87 0.84 -17.22
N ILE C 35 16.71 1.82 -17.53
CA ILE C 35 17.99 1.99 -16.88
C ILE C 35 18.14 3.43 -16.37
N LEU C 36 18.32 3.56 -15.06
CA LEU C 36 18.55 4.85 -14.39
C LEU C 36 20.04 4.92 -14.09
N ASN C 37 20.71 5.76 -14.87
CA ASN C 37 22.14 5.91 -14.88
C ASN C 37 22.51 7.11 -14.01
N VAL C 38 22.93 6.83 -12.77
CA VAL C 38 23.19 7.88 -11.77
C VAL C 38 24.70 8.17 -11.81
N THR C 39 25.13 8.65 -12.98
CA THR C 39 26.48 9.16 -13.20
C THR C 39 26.43 10.30 -14.21
N PRO C 40 27.44 11.16 -14.24
CA PRO C 40 27.49 12.21 -15.25
C PRO C 40 28.29 11.82 -16.47
N ASN C 41 28.98 10.68 -16.40
CA ASN C 41 30.00 10.36 -17.37
C ASN C 41 29.98 8.96 -17.98
N LEU C 42 29.09 8.09 -17.53
CA LEU C 42 29.01 6.76 -18.13
C LEU C 42 27.94 6.80 -19.21
N PRO C 43 28.17 6.10 -20.34
CA PRO C 43 27.19 6.16 -21.43
C PRO C 43 25.87 5.49 -21.09
N ASN C 44 24.78 6.01 -21.65
CA ASN C 44 23.53 5.28 -21.74
C ASN C 44 23.73 4.28 -22.91
N ALA C 45 24.40 3.15 -22.64
CA ALA C 45 25.02 2.34 -23.69
C ALA C 45 24.03 1.84 -24.77
N PHE C 46 22.85 1.42 -24.33
CA PHE C 46 21.88 0.76 -25.23
C PHE C 46 20.63 1.59 -25.49
N GLU C 47 20.78 2.90 -25.37
CA GLU C 47 19.66 3.81 -25.53
C GLU C 47 19.08 3.84 -26.94
N HIS C 48 19.91 3.55 -27.93
CA HIS C 48 19.54 3.85 -29.31
C HIS C 48 19.19 2.62 -30.10
N GLY C 49 18.03 2.70 -30.72
CA GLY C 49 17.64 1.77 -31.76
C GLY C 49 17.08 0.48 -31.23
N GLY C 50 16.91 0.40 -29.92
CA GLY C 50 16.50 -0.82 -29.26
C GLY C 50 15.25 -0.62 -28.41
N GLU C 51 15.10 -1.49 -27.41
CA GLU C 51 13.91 -1.53 -26.57
C GLU C 51 14.04 -0.78 -25.23
N PHE C 52 15.20 -0.15 -25.00
CA PHE C 52 15.51 0.39 -23.67
C PHE C 52 15.02 1.82 -23.50
N THR C 53 14.73 2.18 -22.27
CA THR C 53 14.43 3.57 -21.88
C THR C 53 15.42 3.97 -20.80
N TYR C 54 16.10 5.10 -21.01
CA TYR C 54 17.09 5.58 -20.07
C TYR C 54 16.72 6.90 -19.46
N LYS C 55 17.18 7.10 -18.24
CA LYS C 55 17.24 8.43 -17.61
C LYS C 55 18.61 8.55 -16.96
N GLN C 56 19.26 9.71 -17.14
CA GLN C 56 20.57 9.95 -16.57
C GLN C 56 20.47 11.03 -15.51
N ILE C 57 21.05 10.75 -14.35
CA ILE C 57 21.16 11.69 -13.23
C ILE C 57 22.65 12.03 -13.05
N PRO C 58 23.06 13.19 -13.58
CA PRO C 58 24.46 13.47 -13.79
C PRO C 58 25.15 13.99 -12.52
N ILE C 59 25.34 13.08 -11.59
CA ILE C 59 25.91 13.35 -10.27
C ILE C 59 27.14 12.45 -10.05
N SER C 60 28.24 13.02 -9.54
CA SER C 60 29.42 12.21 -9.24
C SER C 60 29.33 11.73 -7.78
N ASP C 61 30.12 10.74 -7.43
CA ASP C 61 30.10 10.18 -6.08
C ASP C 61 31.06 11.03 -5.24
N HIS C 62 30.58 12.17 -4.80
CA HIS C 62 31.46 13.21 -4.29
C HIS C 62 30.72 14.12 -3.33
N TRP C 63 31.45 14.64 -2.34
CA TRP C 63 30.87 15.46 -1.26
C TRP C 63 30.21 16.76 -1.71
N SER C 64 30.62 17.25 -2.87
CA SER C 64 30.09 18.49 -3.41
C SER C 64 28.72 18.40 -4.07
N GLN C 65 28.18 17.19 -4.24
CA GLN C 65 27.07 16.97 -5.14
C GLN C 65 25.71 16.95 -4.43
N ASN C 66 24.71 17.57 -5.05
CA ASN C 66 23.33 17.52 -4.60
C ASN C 66 22.57 16.45 -5.35
N LEU C 67 22.45 15.27 -4.73
CA LEU C 67 21.70 14.18 -5.35
C LEU C 67 20.22 14.29 -5.04
N SER C 68 19.86 14.79 -3.84
CA SER C 68 18.44 14.82 -3.45
C SER C 68 17.55 15.69 -4.34
N GLN C 69 18.12 16.70 -4.99
CA GLN C 69 17.34 17.49 -5.94
C GLN C 69 16.76 16.65 -7.11
N PHE C 70 17.39 15.51 -7.35
CA PHE C 70 16.96 14.57 -8.39
C PHE C 70 16.06 13.45 -7.86
N PHE C 71 15.76 13.41 -6.56
CA PHE C 71 14.91 12.34 -6.07
C PHE C 71 13.55 12.25 -6.77
N PRO C 72 12.86 13.39 -6.99
CA PRO C 72 11.59 13.31 -7.68
C PRO C 72 11.69 12.65 -9.04
N GLU C 73 12.67 13.00 -9.84
CA GLU C 73 12.72 12.42 -11.17
C GLU C 73 13.20 10.97 -11.15
N ALA C 74 14.07 10.62 -10.22
CA ALA C 74 14.47 9.21 -10.05
C ALA C 74 13.26 8.37 -9.68
N ILE C 75 12.49 8.85 -8.72
CA ILE C 75 11.33 8.12 -8.24
C ILE C 75 10.26 7.93 -9.30
N SER C 76 9.95 8.98 -10.07
CA SER C 76 8.96 8.88 -11.11
C SER C 76 9.38 7.89 -12.20
N PHE C 77 10.68 7.87 -12.51
CA PHE C 77 11.21 6.97 -13.54
C PHE C 77 11.11 5.51 -13.09
N ILE C 78 11.48 5.27 -11.83
CA ILE C 78 11.39 3.92 -11.27
C ILE C 78 9.93 3.44 -11.25
N ASP C 79 9.04 4.31 -10.84
CA ASP C 79 7.63 3.93 -10.78
C ASP C 79 7.04 3.66 -12.14
N GLU C 80 7.46 4.43 -13.14
CA GLU C 80 6.96 4.27 -14.48
C GLU C 80 7.24 2.86 -14.98
N ALA C 81 8.44 2.35 -14.68
CA ALA C 81 8.84 0.99 -15.04
C ALA C 81 8.10 -0.04 -14.19
N ARG C 82 8.16 0.13 -12.88
CA ARG C 82 7.66 -0.91 -11.99
C ARG C 82 6.17 -1.08 -12.14
N SER C 83 5.45 0.03 -12.33
CA SER C 83 3.99 -0.04 -12.38
C SER C 83 3.47 -0.84 -13.59
N LYS C 84 4.28 -0.95 -14.64
CA LYS C 84 3.88 -1.77 -15.78
C LYS C 84 4.61 -3.11 -15.84
N LYS C 85 5.24 -3.45 -14.72
N LYS C 85 5.14 -3.56 -14.71
CA LYS C 85 5.95 -4.70 -14.54
CA LYS C 85 5.79 -4.88 -14.58
C LYS C 85 7.09 -4.86 -15.56
C LYS C 85 6.99 -5.02 -15.49
N CYS C 86 7.87 -3.80 -15.71
N CYS C 86 7.74 -3.91 -15.63
CA CYS C 86 9.07 -3.80 -16.50
CA CYS C 86 9.00 -3.85 -16.37
C CYS C 86 10.21 -3.57 -15.51
C CYS C 86 10.16 -3.67 -15.41
N GLY C 87 11.28 -4.36 -15.63
CA GLY C 87 12.42 -4.21 -14.78
C GLY C 87 13.12 -2.88 -15.01
N VAL C 88 13.58 -2.28 -13.92
CA VAL C 88 14.42 -1.09 -13.94
C VAL C 88 15.69 -1.35 -13.13
N LEU C 89 16.84 -1.04 -13.74
CA LEU C 89 18.12 -1.09 -13.06
C LEU C 89 18.52 0.31 -12.66
N VAL C 90 18.71 0.52 -11.36
CA VAL C 90 19.32 1.77 -10.85
C VAL C 90 20.80 1.46 -10.66
N HIS C 91 21.66 2.17 -11.38
CA HIS C 91 23.09 1.89 -11.30
C HIS C 91 23.94 3.13 -11.17
N SER C 92 25.15 2.91 -10.70
CA SER C 92 26.19 3.93 -10.62
C SER C 92 27.47 3.28 -11.19
N LEU C 93 28.65 3.68 -10.76
CA LEU C 93 29.87 2.98 -11.22
C LEU C 93 30.08 1.74 -10.37
N ALA C 94 30.10 1.94 -9.05
CA ALA C 94 30.38 0.88 -8.10
C ALA C 94 29.15 0.12 -7.56
N GLY C 95 27.96 0.71 -7.67
CA GLY C 95 26.74 0.10 -7.14
C GLY C 95 26.64 0.20 -5.62
N ILE C 96 27.34 1.17 -5.01
CA ILE C 96 27.48 1.22 -3.55
C ILE C 96 27.05 2.55 -2.93
N SER C 97 26.98 3.64 -3.70
CA SER C 97 26.72 4.95 -3.12
C SER C 97 25.60 5.74 -3.81
N ARG C 98 25.83 6.28 -5.00
CA ARG C 98 24.80 7.06 -5.64
C ARG C 98 23.51 6.28 -5.92
N SER C 99 23.67 5.09 -6.50
CA SER C 99 22.52 4.23 -6.87
C SER C 99 21.78 3.74 -5.62
N VAL C 100 22.56 3.46 -4.58
CA VAL C 100 22.01 3.09 -3.27
C VAL C 100 21.16 4.22 -2.71
N THR C 101 21.69 5.44 -2.75
CA THR C 101 21.00 6.62 -2.19
C THR C 101 19.64 6.82 -2.84
N VAL C 102 19.61 6.75 -4.16
CA VAL C 102 18.36 6.90 -4.89
C VAL C 102 17.38 5.78 -4.54
N THR C 103 17.90 4.57 -4.40
CA THR C 103 17.10 3.40 -4.08
C THR C 103 16.47 3.54 -2.70
N VAL C 104 17.25 4.01 -1.74
CA VAL C 104 16.73 4.21 -0.37
C VAL C 104 15.66 5.30 -0.35
N ALA C 105 15.93 6.41 -1.04
CA ALA C 105 14.93 7.48 -1.15
C ALA C 105 13.63 6.95 -1.75
N TYR C 106 13.74 6.14 -2.80
CA TYR C 106 12.57 5.52 -3.42
C TYR C 106 11.75 4.71 -2.43
N LEU C 107 12.43 3.84 -1.69
CA LEU C 107 11.75 3.04 -0.70
C LEU C 107 11.08 3.88 0.38
N MET C 108 11.77 4.92 0.83
CA MET C 108 11.20 5.82 1.86
C MET C 108 9.88 6.38 1.40
N GLN C 109 9.87 6.93 0.20
CA GLN C 109 8.65 7.56 -0.32
C GLN C 109 7.60 6.52 -0.72
N LYS C 110 8.00 5.47 -1.45
CA LYS C 110 7.04 4.47 -1.97
C LYS C 110 6.43 3.58 -0.89
N MET C 111 7.24 3.19 0.08
CA MET C 111 6.77 2.28 1.13
C MET C 111 6.46 2.96 2.46
N ASN C 112 6.49 4.30 2.46
N ASN C 112 6.52 4.29 2.49
CA ASN C 112 6.30 5.08 3.68
CA ASN C 112 6.28 5.07 3.69
C ASN C 112 7.17 4.50 4.78
C ASN C 112 7.19 4.63 4.83
N LEU C 113 8.47 4.48 4.51
CA LEU C 113 9.46 3.97 5.46
C LEU C 113 10.35 5.09 5.99
N SER C 114 10.75 4.96 7.24
CA SER C 114 11.78 5.82 7.77
C SER C 114 13.12 5.54 7.08
N LEU C 115 14.02 6.49 7.15
CA LEU C 115 15.36 6.26 6.63
C LEU C 115 15.95 4.99 7.25
N ASN C 116 15.84 4.84 8.56
CA ASN C 116 16.49 3.71 9.19
C ASN C 116 15.94 2.37 8.73
N ASP C 117 14.63 2.27 8.58
CA ASP C 117 14.01 1.03 8.07
C ASP C 117 14.38 0.74 6.62
N ALA C 118 14.37 1.79 5.77
CA ALA C 118 14.73 1.63 4.36
C ALA C 118 16.17 1.21 4.23
N TYR C 119 17.06 1.87 4.98
N TYR C 119 17.07 1.85 4.98
CA TYR C 119 18.49 1.57 4.96
CA TYR C 119 18.49 1.53 4.93
C TYR C 119 18.77 0.12 5.40
C TYR C 119 18.76 0.10 5.39
N ASP C 120 18.15 -0.28 6.51
CA ASP C 120 18.23 -1.64 7.05
C ASP C 120 17.86 -2.66 5.96
N PHE C 121 16.76 -2.39 5.25
CA PHE C 121 16.18 -3.29 4.25
C PHE C 121 17.19 -3.50 3.14
N VAL C 122 17.76 -2.39 2.66
CA VAL C 122 18.75 -2.49 1.61
C VAL C 122 20.06 -3.12 2.09
N LYS C 123 20.57 -2.69 3.25
N LYS C 123 20.57 -2.69 3.25
CA LYS C 123 21.84 -3.22 3.79
CA LYS C 123 21.84 -3.22 3.78
C LYS C 123 21.80 -4.75 3.93
C LYS C 123 21.81 -4.75 3.93
N ARG C 124 20.65 -5.27 4.35
CA ARG C 124 20.51 -6.73 4.52
C ARG C 124 20.53 -7.48 3.19
N LYS C 125 20.10 -6.81 2.11
CA LYS C 125 20.10 -7.38 0.75
C LYS C 125 21.41 -7.22 0.01
N LYS C 126 22.21 -6.24 0.42
CA LYS C 126 23.47 -5.90 -0.26
C LYS C 126 24.40 -5.30 0.77
N SER C 127 25.25 -6.15 1.34
CA SER C 127 25.97 -5.77 2.55
C SER C 127 27.07 -4.75 2.27
N ASN C 128 27.47 -4.62 1.00
CA ASN C 128 28.56 -3.71 0.62
C ASN C 128 28.13 -2.26 0.37
N ILE C 129 26.86 -1.93 0.60
CA ILE C 129 26.40 -0.56 0.38
C ILE C 129 27.14 0.41 1.30
N SER C 130 27.44 1.58 0.74
CA SER C 130 28.32 2.54 1.38
C SER C 130 28.05 3.95 0.85
N PRO C 131 26.84 4.47 1.08
CA PRO C 131 26.57 5.80 0.55
C PRO C 131 27.46 6.83 1.21
N ASN C 132 27.92 7.76 0.39
CA ASN C 132 28.84 8.80 0.83
C ASN C 132 28.15 9.62 1.92
N PHE C 133 28.91 10.10 2.90
CA PHE C 133 28.38 10.88 4.06
C PHE C 133 27.45 12.04 3.65
N ASN C 134 27.74 12.74 2.55
CA ASN C 134 26.89 13.85 2.17
C ASN C 134 25.53 13.37 1.66
N PHE C 135 25.53 12.23 0.97
CA PHE C 135 24.27 11.64 0.49
C PHE C 135 23.43 11.13 1.67
N MET C 136 24.06 10.59 2.70
CA MET C 136 23.30 10.24 3.92
C MET C 136 22.70 11.49 4.59
N GLY C 137 23.47 12.57 4.63
CA GLY C 137 22.96 13.87 5.09
C GLY C 137 21.71 14.28 4.33
N GLN C 138 21.77 14.11 3.02
CA GLN C 138 20.66 14.47 2.16
C GLN C 138 19.45 13.55 2.37
N LEU C 139 19.70 12.27 2.64
CA LEU C 139 18.62 11.33 3.02
C LEU C 139 17.97 11.70 4.35
N LEU C 140 18.78 12.13 5.31
CA LEU C 140 18.28 12.68 6.58
C LEU C 140 17.37 13.89 6.36
N ASP C 141 17.78 14.79 5.47
CA ASP C 141 16.98 15.97 5.13
C ASP C 141 15.69 15.56 4.40
N PHE C 142 15.79 14.58 3.49
CA PHE C 142 14.63 14.11 2.75
C PHE C 142 13.63 13.48 3.72
N GLU C 143 14.13 12.74 4.72
CA GLU C 143 13.26 12.11 5.68
C GLU C 143 12.41 13.18 6.39
N ARG C 144 13.03 14.33 6.68
CA ARG C 144 12.31 15.43 7.34
C ARG C 144 11.17 15.97 6.50
N THR C 145 11.38 16.05 5.19
N THR C 145 11.37 16.04 5.19
CA THR C 145 10.35 16.54 4.28
CA THR C 145 10.37 16.55 4.27
C THR C 145 9.17 15.58 4.26
C THR C 145 9.19 15.58 4.16
N LEU C 146 9.45 14.28 4.31
CA LEU C 146 8.39 13.29 4.22
C LEU C 146 7.53 13.26 5.47
N GLY C 147 8.14 13.58 6.62
CA GLY C 147 7.44 13.60 7.91
C GLY C 147 7.78 12.36 8.73
N PHE D 5 20.46 -16.04 12.72
CA PHE D 5 19.59 -14.84 12.49
C PHE D 5 18.33 -15.29 11.81
N PRO D 6 17.16 -14.79 12.26
CA PRO D 6 16.06 -14.92 11.34
C PRO D 6 16.19 -13.86 10.25
N VAL D 7 15.77 -14.20 9.03
N VAL D 7 15.76 -14.22 9.05
CA VAL D 7 15.92 -13.29 7.89
CA VAL D 7 15.84 -13.35 7.88
C VAL D 7 14.78 -12.27 7.87
C VAL D 7 14.77 -12.24 8.03
N GLN D 8 15.15 -11.00 7.70
CA GLN D 8 14.18 -9.90 7.62
C GLN D 8 13.66 -9.85 6.20
N ILE D 9 12.38 -10.14 6.03
CA ILE D 9 11.77 -10.20 4.70
C ILE D 9 11.30 -8.83 4.25
N LEU D 10 10.61 -8.15 5.18
CA LEU D 10 10.21 -6.74 5.07
C LEU D 10 10.54 -6.10 6.42
N PRO D 11 10.51 -4.77 6.49
CA PRO D 11 10.66 -4.19 7.82
C PRO D 11 9.60 -4.77 8.76
N TYR D 12 10.08 -5.21 9.92
CA TYR D 12 9.27 -5.77 10.99
C TYR D 12 8.79 -7.19 10.74
N LEU D 13 9.20 -7.81 9.63
CA LEU D 13 8.78 -9.17 9.30
C LEU D 13 9.99 -10.09 9.18
N TYR D 14 10.05 -11.10 10.05
CA TYR D 14 11.17 -12.04 10.10
C TYR D 14 10.65 -13.45 9.84
N LEU D 15 11.48 -14.23 9.17
CA LEU D 15 11.19 -15.61 8.79
C LEU D 15 12.25 -16.50 9.42
N GLY D 16 11.82 -17.55 10.12
CA GLY D 16 12.76 -18.41 10.80
C GLY D 16 12.30 -19.79 11.21
N CYS D 17 13.18 -20.42 11.99
CA CYS D 17 13.03 -21.81 12.38
C CYS D 17 12.74 -21.87 13.87
N ALA D 18 12.59 -23.09 14.39
CA ALA D 18 12.23 -23.24 15.80
C ALA D 18 13.33 -22.67 16.71
N LYS D 19 14.60 -22.78 16.31
CA LYS D 19 15.68 -22.26 17.18
C LYS D 19 15.64 -20.74 17.27
N ASP D 20 15.21 -20.08 16.19
CA ASP D 20 14.95 -18.64 16.27
C ASP D 20 13.86 -18.32 17.28
N SER D 21 12.79 -19.12 17.32
CA SER D 21 11.66 -18.88 18.22
C SER D 21 12.01 -19.06 19.70
N THR D 22 13.09 -19.78 19.97
CA THR D 22 13.49 -20.03 21.35
C THR D 22 14.77 -19.32 21.74
N ASN D 23 15.13 -18.29 20.96
CA ASN D 23 16.37 -17.53 21.18
C ASN D 23 16.02 -16.14 21.68
N LEU D 24 15.90 -16.00 23.00
N LEU D 24 15.92 -16.00 22.99
CA LEU D 24 15.41 -14.75 23.60
CA LEU D 24 15.40 -14.77 23.60
C LEU D 24 16.28 -13.56 23.23
C LEU D 24 16.29 -13.56 23.28
N ASP D 25 17.59 -13.79 23.22
CA ASP D 25 18.58 -12.74 22.91
C ASP D 25 18.30 -12.15 21.53
N VAL D 26 18.13 -13.03 20.54
N VAL D 26 18.13 -13.00 20.53
CA VAL D 26 17.95 -12.61 19.16
CA VAL D 26 17.96 -12.51 19.15
C VAL D 26 16.60 -11.94 18.93
C VAL D 26 16.58 -11.93 18.92
N LEU D 27 15.56 -12.49 19.56
CA LEU D 27 14.23 -11.90 19.50
C LEU D 27 14.30 -10.48 20.03
N GLY D 28 14.93 -10.29 21.17
CA GLY D 28 15.02 -8.95 21.76
C GLY D 28 15.91 -8.00 20.99
N LYS D 29 16.94 -8.55 20.37
CA LYS D 29 17.90 -7.76 19.59
C LYS D 29 17.20 -7.04 18.45
N TYR D 30 16.29 -7.75 17.79
CA TYR D 30 15.61 -7.24 16.62
C TYR D 30 14.21 -6.67 16.88
N GLY D 31 13.82 -6.59 18.15
CA GLY D 31 12.57 -5.97 18.51
C GLY D 31 11.36 -6.82 18.19
N ILE D 32 11.58 -8.13 18.15
CA ILE D 32 10.49 -9.05 17.86
C ILE D 32 9.70 -9.33 19.13
N LYS D 33 8.43 -8.95 19.16
CA LYS D 33 7.52 -9.29 20.26
C LYS D 33 6.29 -10.13 19.85
N TYR D 34 6.05 -10.31 18.54
CA TYR D 34 4.93 -11.11 18.04
C TYR D 34 5.53 -12.35 17.42
N ILE D 35 5.00 -13.52 17.74
CA ILE D 35 5.51 -14.77 17.21
C ILE D 35 4.33 -15.58 16.64
N LEU D 36 4.43 -15.89 15.35
CA LEU D 36 3.46 -16.75 14.65
C LEU D 36 4.07 -18.13 14.48
N ASN D 37 3.54 -19.07 15.27
CA ASN D 37 4.05 -20.42 15.39
C ASN D 37 3.24 -21.34 14.50
N VAL D 38 3.76 -21.60 13.31
CA VAL D 38 3.09 -22.39 12.28
C VAL D 38 3.48 -23.87 12.42
N THR D 39 3.15 -24.40 13.60
CA THR D 39 3.25 -25.80 13.93
C THR D 39 2.12 -26.19 14.87
N PRO D 40 1.82 -27.49 14.94
CA PRO D 40 0.79 -27.94 15.87
C PRO D 40 1.36 -28.40 17.19
N ASN D 41 2.68 -28.49 17.28
CA ASN D 41 3.34 -29.26 18.34
C ASN D 41 4.54 -28.58 19.01
N LEU D 42 5.00 -27.43 18.53
CA LEU D 42 6.08 -26.70 19.22
C LEU D 42 5.47 -25.72 20.21
N PRO D 43 6.09 -25.55 21.38
CA PRO D 43 5.48 -24.66 22.37
C PRO D 43 5.57 -23.17 22.00
N ASN D 44 4.64 -22.40 22.53
CA ASN D 44 4.76 -20.96 22.51
C ASN D 44 5.68 -20.63 23.71
N ALA D 45 6.99 -20.78 23.50
CA ALA D 45 7.93 -20.87 24.64
C ALA D 45 7.88 -19.71 25.64
N PHE D 46 7.75 -18.48 25.14
CA PHE D 46 7.86 -17.29 25.97
C PHE D 46 6.54 -16.53 26.12
N GLU D 47 5.44 -17.29 26.03
N GLU D 47 5.43 -17.25 26.00
CA GLU D 47 4.09 -16.72 26.04
CA GLU D 47 4.11 -16.61 26.03
C GLU D 47 3.70 -16.11 27.39
C GLU D 47 3.77 -16.00 27.39
N HIS D 48 4.39 -16.47 28.46
CA HIS D 48 4.05 -15.96 29.82
C HIS D 48 5.14 -15.13 30.50
N GLY D 49 4.83 -13.85 30.71
CA GLY D 49 5.65 -12.92 31.49
C GLY D 49 6.74 -12.19 30.72
N GLY D 50 6.78 -12.37 29.40
CA GLY D 50 7.90 -11.86 28.58
C GLY D 50 7.52 -10.78 27.59
N GLU D 51 6.30 -10.26 27.70
CA GLU D 51 5.78 -9.20 26.80
C GLU D 51 5.56 -9.66 25.37
N PHE D 52 5.50 -10.96 25.14
CA PHE D 52 5.28 -11.48 23.82
C PHE D 52 3.80 -11.71 23.53
N THR D 53 3.47 -11.64 22.25
CA THR D 53 2.16 -12.01 21.76
C THR D 53 2.31 -13.16 20.77
N TYR D 54 1.60 -14.26 21.02
CA TYR D 54 1.71 -15.44 20.17
C TYR D 54 0.42 -15.75 19.44
N LYS D 55 0.56 -16.36 18.30
CA LYS D 55 -0.54 -17.05 17.61
C LYS D 55 0.03 -18.34 17.01
N GLN D 56 -0.74 -19.43 17.15
CA GLN D 56 -0.34 -20.72 16.65
C GLN D 56 -1.26 -21.14 15.52
N ILE D 57 -0.65 -21.58 14.43
CA ILE D 57 -1.36 -22.12 13.27
C ILE D 57 -1.01 -23.60 13.24
N PRO D 58 -1.94 -24.47 13.71
CA PRO D 58 -1.59 -25.85 14.03
C PRO D 58 -1.61 -26.79 12.80
N ILE D 59 -0.59 -26.63 11.97
CA ILE D 59 -0.42 -27.35 10.69
C ILE D 59 0.94 -28.07 10.63
N SER D 60 0.97 -29.34 10.25
CA SER D 60 2.23 -30.09 10.12
C SER D 60 2.77 -29.85 8.72
N ASP D 61 4.06 -30.08 8.51
CA ASP D 61 4.66 -29.92 7.19
C ASP D 61 4.41 -31.22 6.42
N HIS D 62 3.21 -31.37 5.90
CA HIS D 62 2.79 -32.63 5.37
C HIS D 62 1.76 -32.44 4.28
N TRP D 63 1.77 -33.38 3.33
CA TRP D 63 0.92 -33.30 2.15
C TRP D 63 -0.57 -33.33 2.41
N SER D 64 -0.98 -33.83 3.59
CA SER D 64 -2.39 -33.88 3.95
C SER D 64 -2.98 -32.56 4.42
N GLN D 65 -2.14 -31.54 4.64
CA GLN D 65 -2.54 -30.36 5.43
C GLN D 65 -3.01 -29.20 4.56
N ASN D 66 -4.07 -28.54 5.03
CA ASN D 66 -4.65 -27.35 4.41
C ASN D 66 -4.19 -26.13 5.20
N LEU D 67 -3.11 -25.53 4.74
CA LEU D 67 -2.55 -24.33 5.37
C LEU D 67 -3.28 -23.08 4.90
N SER D 68 -3.79 -23.08 3.68
CA SER D 68 -4.39 -21.84 3.14
C SER D 68 -5.67 -21.40 3.87
N GLN D 69 -6.38 -22.33 4.52
CA GLN D 69 -7.53 -21.96 5.33
C GLN D 69 -7.17 -20.99 6.43
N PHE D 70 -5.90 -20.98 6.82
CA PHE D 70 -5.39 -20.15 7.90
C PHE D 70 -4.76 -18.85 7.39
N PHE D 71 -4.74 -18.62 6.07
CA PHE D 71 -4.06 -17.41 5.58
C PHE D 71 -4.68 -16.13 6.13
N PRO D 72 -6.02 -16.00 6.14
CA PRO D 72 -6.57 -14.74 6.67
C PRO D 72 -6.17 -14.45 8.09
N GLU D 73 -6.28 -15.44 8.95
CA GLU D 73 -5.87 -15.29 10.35
C GLU D 73 -4.39 -14.95 10.48
N ALA D 74 -3.52 -15.67 9.77
CA ALA D 74 -2.06 -15.45 9.82
C ALA D 74 -1.67 -14.07 9.32
N ILE D 75 -2.24 -13.71 8.18
CA ILE D 75 -1.94 -12.44 7.54
C ILE D 75 -2.35 -11.27 8.41
N SER D 76 -3.53 -11.33 9.03
CA SER D 76 -3.99 -10.28 9.92
C SER D 76 -3.12 -10.13 11.18
N PHE D 77 -2.63 -11.25 11.69
CA PHE D 77 -1.74 -11.25 12.87
C PHE D 77 -0.38 -10.58 12.54
N ILE D 78 0.18 -10.93 11.39
CA ILE D 78 1.40 -10.27 10.90
C ILE D 78 1.19 -8.76 10.76
N ASP D 79 0.07 -8.40 10.17
CA ASP D 79 -0.22 -6.99 9.94
C ASP D 79 -0.44 -6.22 11.22
N GLU D 80 -1.02 -6.88 12.23
CA GLU D 80 -1.16 -6.29 13.55
C GLU D 80 0.20 -5.85 14.09
N ALA D 81 1.18 -6.73 14.01
CA ALA D 81 2.51 -6.42 14.48
C ALA D 81 3.16 -5.31 13.65
N ARG D 82 3.21 -5.50 12.34
CA ARG D 82 3.91 -4.55 11.47
C ARG D 82 3.31 -3.15 11.53
N SER D 83 1.99 -3.06 11.68
CA SER D 83 1.31 -1.78 11.66
C SER D 83 1.69 -0.92 12.85
N LYS D 84 2.15 -1.54 13.94
CA LYS D 84 2.62 -0.76 15.09
C LYS D 84 4.13 -0.78 15.25
N LYS D 85 4.79 -1.14 14.17
CA LYS D 85 6.25 -1.15 14.12
C LYS D 85 6.87 -2.03 15.20
N CYS D 86 6.27 -3.20 15.35
N CYS D 86 6.23 -3.17 15.42
CA CYS D 86 6.73 -4.24 16.27
CA CYS D 86 6.73 -4.26 16.27
C CYS D 86 7.13 -5.42 15.40
C CYS D 86 7.16 -5.39 15.36
N GLY D 87 8.29 -6.01 15.66
CA GLY D 87 8.73 -7.16 14.90
C GLY D 87 7.85 -8.37 15.13
N VAL D 88 7.60 -9.11 14.04
CA VAL D 88 6.96 -10.43 14.12
C VAL D 88 7.84 -11.49 13.47
N LEU D 89 8.00 -12.63 14.17
CA LEU D 89 8.67 -13.79 13.64
C LEU D 89 7.64 -14.82 13.18
N VAL D 90 7.64 -15.13 11.91
CA VAL D 90 6.89 -16.27 11.37
C VAL D 90 7.86 -17.45 11.35
N HIS D 91 7.52 -18.50 12.11
CA HIS D 91 8.41 -19.64 12.20
C HIS D 91 7.68 -20.98 12.06
N SER D 92 8.46 -21.97 11.69
CA SER D 92 8.03 -23.35 11.66
C SER D 92 9.11 -24.18 12.39
N LEU D 93 9.34 -25.43 12.02
CA LEU D 93 10.45 -26.19 12.65
C LEU D 93 11.76 -25.90 11.93
N ALA D 94 11.77 -26.11 10.62
CA ALA D 94 12.97 -25.93 9.82
C ALA D 94 13.13 -24.53 9.18
N GLY D 95 12.05 -23.74 9.15
CA GLY D 95 12.07 -22.40 8.55
C GLY D 95 12.12 -22.41 7.03
N ILE D 96 11.62 -23.48 6.40
CA ILE D 96 11.77 -23.64 4.94
C ILE D 96 10.49 -23.92 4.18
N SER D 97 9.41 -24.32 4.88
CA SER D 97 8.18 -24.73 4.20
C SER D 97 6.93 -24.04 4.76
N ARG D 98 6.44 -24.42 5.93
CA ARG D 98 5.18 -23.82 6.40
C ARG D 98 5.30 -22.31 6.62
N SER D 99 6.36 -21.89 7.27
CA SER D 99 6.57 -20.46 7.55
C SER D 99 6.79 -19.67 6.24
N VAL D 100 7.48 -20.27 5.30
CA VAL D 100 7.72 -19.67 3.99
C VAL D 100 6.41 -19.48 3.25
N THR D 101 5.52 -20.47 3.34
CA THR D 101 4.25 -20.41 2.65
C THR D 101 3.38 -19.24 3.15
N VAL D 102 3.31 -19.11 4.47
CA VAL D 102 2.55 -18.03 5.08
C VAL D 102 3.16 -16.69 4.71
N THR D 103 4.47 -16.61 4.70
CA THR D 103 5.16 -15.37 4.37
C THR D 103 4.86 -14.95 2.92
N VAL D 104 4.94 -15.91 1.99
CA VAL D 104 4.63 -15.66 0.57
C VAL D 104 3.19 -15.19 0.43
N ALA D 105 2.25 -15.86 1.11
CA ALA D 105 0.85 -15.46 1.10
C ALA D 105 0.66 -14.03 1.58
N TYR D 106 1.37 -13.67 2.66
CA TYR D 106 1.32 -12.31 3.18
C TYR D 106 1.79 -11.30 2.13
N LEU D 107 2.92 -11.57 1.49
CA LEU D 107 3.45 -10.69 0.44
C LEU D 107 2.47 -10.54 -0.72
N MET D 108 1.81 -11.63 -1.10
CA MET D 108 0.87 -11.60 -2.23
C MET D 108 -0.27 -10.62 -1.92
N GLN D 109 -0.86 -10.78 -0.74
CA GLN D 109 -2.00 -9.97 -0.34
C GLN D 109 -1.60 -8.52 -0.03
N LYS D 110 -0.54 -8.34 0.74
CA LYS D 110 -0.22 -7.02 1.29
C LYS D 110 0.41 -6.13 0.22
N MET D 111 1.30 -6.69 -0.59
CA MET D 111 1.98 -5.91 -1.63
C MET D 111 1.39 -6.09 -3.02
N ASN D 112 0.28 -6.82 -3.12
N ASN D 112 0.21 -6.70 -3.12
CA ASN D 112 -0.42 -7.06 -4.36
CA ASN D 112 -0.41 -7.04 -4.41
C ASN D 112 0.46 -7.71 -5.43
C ASN D 112 0.60 -7.61 -5.40
N LEU D 113 1.20 -8.73 -5.00
CA LEU D 113 2.16 -9.41 -5.83
C LEU D 113 1.58 -10.72 -6.32
N SER D 114 1.92 -11.09 -7.55
CA SER D 114 1.65 -12.42 -8.04
C SER D 114 2.41 -13.44 -7.19
N LEU D 115 1.95 -14.68 -7.19
CA LEU D 115 2.74 -15.76 -6.54
C LEU D 115 4.18 -15.75 -7.04
N ASN D 116 4.36 -15.68 -8.36
CA ASN D 116 5.69 -15.73 -8.92
C ASN D 116 6.60 -14.61 -8.46
N ASP D 117 6.08 -13.38 -8.36
CA ASP D 117 6.90 -12.27 -7.89
C ASP D 117 7.20 -12.39 -6.39
N ALA D 118 6.18 -12.72 -5.58
CA ALA D 118 6.35 -12.99 -4.15
C ALA D 118 7.36 -14.10 -3.88
N TYR D 119 7.25 -15.21 -4.60
N TYR D 119 7.27 -15.21 -4.61
CA TYR D 119 8.17 -16.36 -4.44
CA TYR D 119 8.20 -16.33 -4.42
C TYR D 119 9.62 -15.98 -4.80
C TYR D 119 9.63 -15.95 -4.77
N ASP D 120 9.79 -15.31 -5.93
CA ASP D 120 11.08 -14.76 -6.38
C ASP D 120 11.72 -13.89 -5.27
N PHE D 121 10.93 -12.98 -4.71
CA PHE D 121 11.38 -12.05 -3.71
C PHE D 121 11.92 -12.81 -2.49
N VAL D 122 11.20 -13.82 -2.04
CA VAL D 122 11.62 -14.59 -0.86
C VAL D 122 12.81 -15.51 -1.15
N LYS D 123 12.76 -16.20 -2.30
N LYS D 123 12.77 -16.19 -2.30
CA LYS D 123 13.83 -17.09 -2.72
CA LYS D 123 13.84 -17.10 -2.69
C LYS D 123 15.17 -16.35 -2.73
C LYS D 123 15.19 -16.39 -2.79
N ARG D 124 15.18 -15.15 -3.27
CA ARG D 124 16.41 -14.34 -3.35
C ARG D 124 16.97 -13.94 -1.97
N LYS D 125 16.10 -13.82 -0.98
CA LYS D 125 16.49 -13.51 0.41
C LYS D 125 16.84 -14.74 1.23
N LYS D 126 16.37 -15.90 0.78
CA LYS D 126 16.56 -17.15 1.51
C LYS D 126 16.56 -18.31 0.51
N SER D 127 17.75 -18.69 0.06
CA SER D 127 17.90 -19.53 -1.10
C SER D 127 17.40 -20.94 -0.82
N ASN D 128 17.44 -21.34 0.44
CA ASN D 128 17.08 -22.71 0.86
C ASN D 128 15.60 -22.96 1.11
N ILE D 129 14.72 -22.01 0.75
CA ILE D 129 13.29 -22.24 0.94
C ILE D 129 12.86 -23.47 0.11
N SER D 130 11.98 -24.28 0.69
N SER D 130 11.94 -24.25 0.69
CA SER D 130 11.49 -25.50 0.07
CA SER D 130 11.48 -25.52 0.13
C SER D 130 10.04 -25.77 0.48
C SER D 130 10.03 -25.78 0.50
N PRO D 131 9.11 -24.89 0.09
CA PRO D 131 7.72 -25.08 0.45
C PRO D 131 7.15 -26.35 -0.19
N ASN D 132 6.46 -27.13 0.63
CA ASN D 132 5.94 -28.42 0.21
C ASN D 132 4.99 -28.23 -0.96
N PHE D 133 5.05 -29.19 -1.89
CA PHE D 133 4.28 -29.10 -3.15
C PHE D 133 2.81 -28.80 -2.91
N ASN D 134 2.18 -29.35 -1.86
CA ASN D 134 0.77 -29.12 -1.60
C ASN D 134 0.49 -27.66 -1.19
N PHE D 135 1.41 -27.10 -0.42
CA PHE D 135 1.33 -25.70 -0.03
C PHE D 135 1.51 -24.79 -1.25
N MET D 136 2.36 -25.16 -2.19
CA MET D 136 2.48 -24.34 -3.40
C MET D 136 1.22 -24.44 -4.21
N GLY D 137 0.59 -25.60 -4.24
CA GLY D 137 -0.73 -25.75 -4.87
C GLY D 137 -1.77 -24.85 -4.24
N GLN D 138 -1.71 -24.75 -2.90
CA GLN D 138 -2.64 -23.88 -2.18
C GLN D 138 -2.39 -22.38 -2.42
N LEU D 139 -1.11 -22.00 -2.54
CA LEU D 139 -0.74 -20.64 -2.92
C LEU D 139 -1.26 -20.28 -4.31
N LEU D 140 -1.21 -21.22 -5.25
CA LEU D 140 -1.81 -21.01 -6.58
C LEU D 140 -3.31 -20.74 -6.48
N ASP D 141 -4.00 -21.50 -5.66
CA ASP D 141 -5.43 -21.28 -5.40
C ASP D 141 -5.69 -19.91 -4.78
N PHE D 142 -4.86 -19.53 -3.80
CA PHE D 142 -4.97 -18.28 -3.10
C PHE D 142 -4.76 -17.11 -4.06
N GLU D 143 -3.79 -17.25 -4.96
CA GLU D 143 -3.57 -16.27 -6.02
C GLU D 143 -4.87 -16.00 -6.80
N ARG D 144 -5.59 -17.06 -7.14
CA ARG D 144 -6.87 -16.92 -7.85
C ARG D 144 -7.88 -16.14 -7.00
N THR D 145 -7.95 -16.46 -5.71
CA THR D 145 -8.95 -15.81 -4.87
C THR D 145 -8.65 -14.32 -4.69
N LEU D 146 -7.37 -13.94 -4.72
CA LEU D 146 -7.00 -12.52 -4.62
C LEU D 146 -7.23 -11.72 -5.90
N GLY D 147 -7.49 -12.41 -7.01
CA GLY D 147 -7.62 -11.75 -8.30
C GLY D 147 -6.29 -11.43 -8.94
N LEU D 148 -5.24 -12.11 -8.49
CA LEU D 148 -3.90 -11.95 -9.06
C LEU D 148 -3.66 -13.02 -10.13
N SER D 149 -4.64 -13.90 -10.29
CA SER D 149 -4.66 -14.95 -11.28
C SER D 149 -5.98 -14.78 -12.04
P PO4 E . -13.12 19.00 -17.93
O1 PO4 E . -14.42 18.70 -18.70
O2 PO4 E . -12.02 18.15 -18.53
O3 PO4 E . -12.82 20.48 -18.05
O4 PO4 E . -13.34 18.63 -16.48
P PO4 F . -24.70 3.34 16.89
O1 PO4 F . -25.13 4.66 17.50
O2 PO4 F . -23.52 2.80 17.63
O3 PO4 F . -24.35 3.64 15.46
O4 PO4 F . -25.90 2.42 16.92
P PO4 G . 29.07 4.73 -6.64
O1 PO4 G . 28.26 5.99 -6.52
O2 PO4 G . 30.14 4.65 -5.57
O3 PO4 G . 29.69 4.65 -8.02
O4 PO4 G . 28.17 3.52 -6.46
P PO4 H . 9.02 -26.50 7.98
O1 PO4 H . 7.57 -26.39 7.64
O2 PO4 H . 9.66 -27.54 7.08
O3 PO4 H . 9.76 -25.22 7.76
O4 PO4 H . 9.23 -26.97 9.41
#